data_3PIN
#
_entry.id   3PIN
#
_cell.length_a   122.266
_cell.length_b   122.266
_cell.length_c   122.266
_cell.angle_alpha   90.00
_cell.angle_beta   90.00
_cell.angle_gamma   90.00
#
_symmetry.space_group_name_H-M   'I 2 3'
#
loop_
_entity.id
_entity.type
_entity.pdbx_description
1 polymer Thioredoxin-2
2 polymer 'Peptide methionine sulfoxide reductase'
3 water water
#
loop_
_entity_poly.entity_id
_entity_poly.type
_entity_poly.pdbx_seq_one_letter_code
_entity_poly.pdbx_strand_id
1 'polypeptide(L)'
;MVTQLKSASEYDSALASGDKLVVVDFFATWCGPSKMIAPMIEKFAEQYSDAAFYKLDVDEVSDVAQKAEVSSMPTLIFYK
GGKEVTRVVGANPAAIKQAIASNV
;
A
2 'polypeptide(L)'
;SSLISKTIKYDPAKDKLITLASGSFWGTEHMYRKYLNDRIVDSKVGYANGEESKKDSPSSVSYKRVSGGDTDFAEVLQVS
YNPKVITLRELTDFFFRIHDPTTSNSQGPDKGTQYRSGLFAHSDADLKELAKIKEEWQPKWGNKIATVIEPIKNFYDAEE
YHQLYLDKNPQGYACPTHYLREM
;
B
#
# COMPACT_ATOMS: atom_id res chain seq x y z
N MET A 1 -12.20 24.13 -3.34
CA MET A 1 -11.25 23.38 -4.22
C MET A 1 -9.95 22.98 -3.53
N VAL A 2 -9.40 21.84 -3.97
CA VAL A 2 -8.12 21.33 -3.47
C VAL A 2 -7.11 21.36 -4.62
N THR A 3 -6.03 22.13 -4.45
CA THR A 3 -5.03 22.34 -5.50
C THR A 3 -3.98 21.23 -5.48
N GLN A 4 -3.78 20.59 -6.64
CA GLN A 4 -2.77 19.53 -6.74
C GLN A 4 -1.37 20.11 -6.91
N LEU A 5 -0.44 19.57 -6.12
CA LEU A 5 0.97 19.93 -6.24
C LEU A 5 1.65 18.98 -7.24
N LYS A 6 2.44 19.56 -8.14
CA LYS A 6 2.97 18.86 -9.31
C LYS A 6 4.48 18.60 -9.26
N SER A 7 5.18 19.40 -8.46
CA SER A 7 6.62 19.25 -8.27
C SER A 7 7.04 19.76 -6.91
N ALA A 8 8.31 19.54 -6.55
CA ALA A 8 8.86 20.00 -5.27
C ALA A 8 8.82 21.52 -5.16
N SER A 9 8.93 22.18 -6.32
CA SER A 9 8.86 23.63 -6.43
C SER A 9 7.50 24.18 -5.98
N GLU A 10 6.42 23.58 -6.49
CA GLU A 10 5.05 23.97 -6.12
C GLU A 10 4.82 23.73 -4.63
N TYR A 11 5.34 22.61 -4.13
CA TYR A 11 5.20 22.21 -2.73
C TYR A 11 5.85 23.23 -1.78
N ASP A 12 7.11 23.57 -2.04
CA ASP A 12 7.84 24.55 -1.22
C ASP A 12 7.16 25.92 -1.18
N SER A 13 6.73 26.40 -2.34
CA SER A 13 6.10 27.72 -2.43
C SER A 13 4.63 27.70 -1.99
N ALA A 14 4.17 26.57 -1.49
CA ALA A 14 2.86 26.44 -0.87
C ALA A 14 3.00 26.47 0.66
N LEU A 15 4.16 26.04 1.15
CA LEU A 15 4.49 26.13 2.58
C LEU A 15 4.78 27.58 2.99
N ALA A 16 5.35 28.36 2.08
CA ALA A 16 5.56 29.79 2.29
C ALA A 16 4.24 30.54 2.17
N SER A 17 3.46 30.49 3.27
CA SER A 17 2.09 30.98 3.28
C SER A 17 1.83 32.05 4.36
N GLY A 18 2.55 31.88 5.49
CA GLY A 18 2.33 32.73 6.66
C GLY A 18 1.59 31.93 7.74
N ASP A 19 0.68 32.60 8.43
CA ASP A 19 -0.07 31.98 9.53
C ASP A 19 -1.19 31.05 9.04
N LYS A 20 -1.65 31.25 7.81
CA LYS A 20 -2.68 30.40 7.20
C LYS A 20 -2.23 28.93 7.22
N LEU A 21 -3.09 28.05 7.73
CA LEU A 21 -2.80 26.62 7.81
C LEU A 21 -2.77 25.97 6.43
N VAL A 22 -1.79 25.10 6.23
CA VAL A 22 -1.60 24.41 4.95
C VAL A 22 -1.82 22.91 5.15
N VAL A 23 -2.82 22.37 4.46
CA VAL A 23 -3.16 20.95 4.53
C VAL A 23 -2.79 20.27 3.22
N VAL A 24 -2.05 19.16 3.30
CA VAL A 24 -1.63 18.43 2.12
C VAL A 24 -2.04 16.98 2.21
N ASP A 25 -2.82 16.53 1.22
CA ASP A 25 -3.22 15.12 1.10
C ASP A 25 -2.23 14.37 0.21
N PHE A 26 -1.40 13.54 0.83
CA PHE A 26 -0.47 12.70 0.09
C PHE A 26 -1.20 11.41 -0.32
N PHE A 27 -1.39 11.22 -1.63
CA PHE A 27 -2.27 10.16 -2.12
C PHE A 27 -1.67 9.26 -3.20
N ALA A 28 -2.34 8.13 -3.40
CA ALA A 28 -2.02 7.19 -4.47
C ALA A 28 -3.30 6.84 -5.22
N THR A 29 -3.23 6.87 -6.55
CA THR A 29 -4.40 6.64 -7.40
C THR A 29 -4.87 5.19 -7.39
N TRP A 30 -3.98 4.28 -7.00
CA TRP A 30 -4.30 2.86 -6.93
C TRP A 30 -4.85 2.47 -5.56
N CYS A 31 -4.57 3.30 -4.56
CA CYS A 31 -4.94 3.02 -3.17
C CYS A 31 -6.40 3.36 -2.90
N GLY A 32 -7.18 2.33 -2.55
CA GLY A 32 -8.60 2.46 -2.24
C GLY A 32 -8.93 3.48 -1.17
N PRO A 33 -8.40 3.29 0.06
CA PRO A 33 -8.58 4.24 1.16
C PRO A 33 -8.20 5.67 0.76
N SER A 34 -7.04 5.84 0.13
CA SER A 34 -6.56 7.14 -0.31
C SER A 34 -7.53 7.79 -1.29
N LYS A 35 -8.10 6.99 -2.18
CA LYS A 35 -9.03 7.48 -3.18
C LYS A 35 -10.32 7.96 -2.53
N MET A 36 -10.79 7.22 -1.53
CA MET A 36 -12.09 7.56 -0.93
C MET A 36 -12.05 8.68 0.11
N ILE A 37 -10.86 9.09 0.53
CA ILE A 37 -10.74 10.26 1.40
C ILE A 37 -10.87 11.58 0.64
N ALA A 38 -10.71 11.52 -0.68
CA ALA A 38 -10.75 12.70 -1.53
C ALA A 38 -12.02 13.57 -1.35
N PRO A 39 -13.22 12.97 -1.52
CA PRO A 39 -14.42 13.82 -1.42
C PRO A 39 -14.60 14.42 -0.02
N MET A 40 -13.97 13.79 0.97
CA MET A 40 -14.13 14.22 2.35
C MET A 40 -13.30 15.45 2.64
N ILE A 41 -12.09 15.49 2.07
CA ILE A 41 -11.20 16.64 2.18
C ILE A 41 -11.74 17.81 1.35
N GLU A 42 -12.42 17.49 0.26
CA GLU A 42 -13.12 18.50 -0.54
C GLU A 42 -14.17 19.26 0.26
N LYS A 43 -14.91 18.53 1.10
CA LYS A 43 -15.93 19.14 1.95
C LYS A 43 -15.35 19.99 3.07
N PHE A 44 -14.23 19.54 3.64
CA PHE A 44 -13.56 20.29 4.69
C PHE A 44 -12.95 21.57 4.13
N ALA A 45 -12.50 21.49 2.88
CA ALA A 45 -11.97 22.66 2.16
C ALA A 45 -13.06 23.70 1.93
N GLU A 46 -14.28 23.21 1.71
CA GLU A 46 -15.45 24.08 1.55
C GLU A 46 -15.86 24.72 2.87
N GLN A 47 -15.69 23.97 3.96
CA GLN A 47 -16.13 24.45 5.28
C GLN A 47 -15.08 25.33 5.96
N TYR A 48 -13.80 25.02 5.76
CA TYR A 48 -12.72 25.77 6.37
C TYR A 48 -12.00 26.68 5.38
N SER A 49 -12.48 27.92 5.30
CA SER A 49 -11.99 28.92 4.35
C SER A 49 -10.56 29.36 4.63
N ASP A 50 -10.19 29.45 5.89
CA ASP A 50 -8.95 30.06 6.28
C ASP A 50 -7.78 29.15 6.10
N ALA A 51 -8.00 27.99 5.52
CA ALA A 51 -6.99 26.95 5.33
C ALA A 51 -6.85 26.63 3.86
N ALA A 52 -5.60 26.47 3.41
CA ALA A 52 -5.32 26.14 2.01
C ALA A 52 -5.05 24.66 1.86
N PHE A 53 -5.89 23.99 1.07
CA PHE A 53 -5.81 22.54 0.91
C PHE A 53 -5.12 22.15 -0.38
N TYR A 54 -4.23 21.17 -0.27
CA TYR A 54 -3.46 20.68 -1.41
C TYR A 54 -3.47 19.17 -1.45
N LYS A 55 -3.20 18.60 -2.63
CA LYS A 55 -3.01 17.16 -2.78
C LYS A 55 -1.78 16.86 -3.63
N LEU A 56 -1.10 15.77 -3.30
CA LEU A 56 0.13 15.38 -3.95
C LEU A 56 0.16 13.88 -4.22
N ASP A 57 0.37 13.51 -5.48
CA ASP A 57 0.49 12.12 -5.88
C ASP A 57 1.90 11.64 -5.55
N VAL A 58 1.97 10.60 -4.71
CA VAL A 58 3.25 10.07 -4.23
C VAL A 58 4.06 9.37 -5.33
N ASP A 59 3.37 8.87 -6.35
CA ASP A 59 4.04 8.28 -7.50
C ASP A 59 4.58 9.37 -8.41
N GLU A 60 3.80 10.44 -8.58
CA GLU A 60 4.21 11.60 -9.37
C GLU A 60 5.39 12.36 -8.75
N VAL A 61 5.26 12.73 -7.48
CA VAL A 61 6.28 13.51 -6.80
C VAL A 61 6.85 12.73 -5.61
N SER A 62 7.60 11.67 -5.94
CA SER A 62 8.17 10.74 -4.96
C SER A 62 9.16 11.43 -4.03
N ASP A 63 9.88 12.42 -4.56
CA ASP A 63 10.89 13.17 -3.79
C ASP A 63 10.28 13.92 -2.60
N VAL A 64 9.14 14.59 -2.79
CA VAL A 64 8.46 15.26 -1.68
C VAL A 64 7.91 14.22 -0.70
N ALA A 65 7.24 13.20 -1.22
CA ALA A 65 6.70 12.11 -0.37
C ALA A 65 7.75 11.50 0.54
N GLN A 66 8.89 11.11 -0.04
CA GLN A 66 10.00 10.53 0.71
C GLN A 66 10.55 11.53 1.75
N LYS A 67 10.67 12.81 1.36
CA LYS A 67 11.20 13.85 2.24
C LYS A 67 10.26 14.21 3.40
N ALA A 68 8.95 14.16 3.17
CA ALA A 68 7.97 14.38 4.23
C ALA A 68 7.75 13.08 5.02
N GLU A 69 8.57 12.07 4.70
CA GLU A 69 8.44 10.70 5.20
C GLU A 69 7.02 10.17 5.30
N VAL A 70 6.39 10.08 4.13
CA VAL A 70 5.09 9.46 3.96
C VAL A 70 5.32 8.02 3.48
N SER A 71 4.85 7.07 4.29
CA SER A 71 4.98 5.65 3.98
C SER A 71 3.62 4.94 3.88
N SER A 72 2.54 5.72 3.92
CA SER A 72 1.18 5.20 3.78
C SER A 72 0.26 6.26 3.22
N MET A 73 -0.78 5.83 2.52
CA MET A 73 -1.75 6.74 1.95
C MET A 73 -3.16 6.34 2.35
N PRO A 74 -3.98 7.33 2.78
CA PRO A 74 -3.63 8.75 2.76
C PRO A 74 -2.83 9.18 3.99
N THR A 75 -2.00 10.20 3.80
CA THR A 75 -1.39 10.91 4.90
C THR A 75 -1.67 12.38 4.69
N LEU A 76 -2.44 12.95 5.63
CA LEU A 76 -2.77 14.36 5.62
C LEU A 76 -1.78 15.08 6.54
N ILE A 77 -0.98 15.97 5.97
CA ILE A 77 -0.01 16.72 6.76
C ILE A 77 -0.41 18.18 6.90
N PHE A 78 -0.23 18.70 8.11
CA PHE A 78 -0.69 20.03 8.49
C PHE A 78 0.52 20.91 8.75
N TYR A 79 0.55 22.06 8.09
CA TYR A 79 1.66 22.99 8.21
C TYR A 79 1.18 24.37 8.64
N LYS A 80 1.93 24.99 9.55
CA LYS A 80 1.75 26.40 9.88
C LYS A 80 3.12 27.06 9.97
N GLY A 81 3.26 28.20 9.28
CA GLY A 81 4.52 28.94 9.23
C GLY A 81 5.60 28.24 8.42
N GLY A 82 5.18 27.34 7.53
CA GLY A 82 6.10 26.58 6.68
C GLY A 82 6.69 25.36 7.38
N LYS A 83 6.08 24.96 8.49
CA LYS A 83 6.58 23.84 9.30
C LYS A 83 5.46 22.91 9.75
N GLU A 84 5.77 21.62 9.87
CA GLU A 84 4.79 20.61 10.27
C GLU A 84 4.34 20.77 11.71
N VAL A 85 3.03 20.70 11.92
CA VAL A 85 2.42 20.84 13.23
C VAL A 85 1.86 19.49 13.70
N THR A 86 1.33 18.71 12.76
CA THR A 86 0.77 17.39 13.03
C THR A 86 0.45 16.68 11.72
N ARG A 87 0.10 15.39 11.83
CA ARG A 87 -0.34 14.61 10.67
C ARG A 87 -1.34 13.53 11.09
N VAL A 88 -2.19 13.12 10.16
CA VAL A 88 -3.12 12.02 10.38
C VAL A 88 -2.92 10.97 9.29
N VAL A 89 -2.56 9.75 9.70
CA VAL A 89 -2.32 8.66 8.76
C VAL A 89 -3.56 7.78 8.71
N GLY A 90 -4.00 7.44 7.50
CA GLY A 90 -5.15 6.58 7.30
C GLY A 90 -6.42 7.36 7.03
N ALA A 91 -7.40 6.69 6.43
CA ALA A 91 -8.65 7.33 6.01
C ALA A 91 -9.69 7.42 7.14
N ASN A 92 -9.42 8.26 8.14
CA ASN A 92 -10.40 8.60 9.17
C ASN A 92 -10.77 10.07 9.06
N PRO A 93 -11.90 10.37 8.39
CA PRO A 93 -12.38 11.72 8.11
C PRO A 93 -12.67 12.54 9.36
N ALA A 94 -13.22 11.90 10.38
CA ALA A 94 -13.50 12.57 11.66
C ALA A 94 -12.21 12.98 12.36
N ALA A 95 -11.19 12.13 12.29
CA ALA A 95 -9.88 12.45 12.86
C ALA A 95 -9.26 13.63 12.12
N ILE A 96 -9.37 13.61 10.79
CA ILE A 96 -8.83 14.66 9.94
C ILE A 96 -9.49 16.00 10.22
N LYS A 97 -10.82 15.98 10.35
CA LYS A 97 -11.60 17.17 10.65
C LYS A 97 -11.17 17.81 11.97
N GLN A 98 -10.86 16.97 12.96
CA GLN A 98 -10.42 17.46 14.27
C GLN A 98 -9.11 18.24 14.14
N ALA A 99 -8.16 17.65 13.41
CA ALA A 99 -6.85 18.26 13.19
C ALA A 99 -6.96 19.60 12.46
N ILE A 100 -7.92 19.71 11.54
CA ILE A 100 -8.18 20.98 10.88
C ILE A 100 -8.72 22.00 11.90
N ALA A 101 -9.80 21.63 12.57
CA ALA A 101 -10.44 22.49 13.56
C ALA A 101 -9.47 22.95 14.64
N SER A 102 -8.62 22.04 15.09
CA SER A 102 -7.67 22.33 16.17
C SER A 102 -6.52 23.23 15.73
N ASN A 103 -6.37 23.43 14.41
CA ASN A 103 -5.23 24.16 13.86
C ASN A 103 -5.56 25.40 13.01
N VAL A 104 -6.82 25.52 12.61
CA VAL A 104 -7.54 26.78 12.22
C VAL A 104 -8.75 26.46 11.32
N SER B 2 -12.30 -23.38 2.29
CA SER B 2 -11.32 -23.42 1.16
C SER B 2 -10.13 -22.50 1.37
N LEU B 3 -8.99 -22.89 0.81
CA LEU B 3 -7.77 -22.09 0.81
C LEU B 3 -7.63 -21.41 -0.55
N ILE B 4 -8.57 -21.71 -1.43
CA ILE B 4 -8.58 -21.24 -2.81
C ILE B 4 -9.87 -20.43 -3.04
N SER B 5 -9.75 -19.27 -3.66
CA SER B 5 -10.91 -18.45 -4.01
C SER B 5 -11.79 -19.15 -5.03
N LYS B 6 -13.10 -18.91 -4.93
CA LYS B 6 -14.10 -19.60 -5.75
C LYS B 6 -14.23 -19.01 -7.15
N THR B 7 -13.57 -17.87 -7.36
CA THR B 7 -13.68 -17.11 -8.60
C THR B 7 -12.42 -17.20 -9.49
N ILE B 8 -11.30 -17.63 -8.90
CA ILE B 8 -10.00 -17.65 -9.57
C ILE B 8 -9.87 -18.74 -10.64
N LYS B 9 -9.16 -18.42 -11.72
CA LYS B 9 -8.82 -19.38 -12.76
C LYS B 9 -7.68 -20.24 -12.25
N TYR B 10 -7.93 -21.53 -12.05
CA TYR B 10 -6.94 -22.42 -11.42
C TYR B 10 -7.12 -23.90 -11.80
N ASP B 11 -6.07 -24.47 -12.39
CA ASP B 11 -6.05 -25.87 -12.82
C ASP B 11 -5.05 -26.64 -11.96
N PRO B 12 -5.54 -27.53 -11.09
CA PRO B 12 -4.67 -28.27 -10.15
C PRO B 12 -3.60 -29.13 -10.83
N ALA B 13 -3.81 -29.47 -12.10
CA ALA B 13 -2.89 -30.33 -12.84
C ALA B 13 -1.81 -29.57 -13.63
N LYS B 14 -1.90 -28.24 -13.66
CA LYS B 14 -0.96 -27.40 -14.42
C LYS B 14 -0.48 -26.18 -13.64
N ASP B 15 -1.34 -25.67 -12.74
CA ASP B 15 -1.09 -24.41 -12.04
C ASP B 15 -0.69 -24.59 -10.57
N LYS B 16 -0.12 -23.54 -10.00
CA LYS B 16 0.20 -23.48 -8.56
C LYS B 16 -0.32 -22.19 -7.95
N LEU B 17 -0.31 -22.09 -6.63
CA LEU B 17 -0.83 -20.93 -5.92
C LEU B 17 0.14 -20.35 -4.90
N ILE B 18 0.11 -19.03 -4.78
CA ILE B 18 0.82 -18.31 -3.72
C ILE B 18 -0.04 -17.14 -3.26
N THR B 19 -0.09 -16.94 -1.95
CA THR B 19 -0.92 -15.91 -1.36
C THR B 19 -0.05 -14.87 -0.65
N LEU B 20 -0.19 -13.61 -1.08
CA LEU B 20 0.77 -12.57 -0.73
C LEU B 20 0.14 -11.42 0.04
N ALA B 21 0.74 -11.08 1.17
CA ALA B 21 0.34 -9.89 1.94
C ALA B 21 1.48 -8.89 1.98
N SER B 22 1.22 -7.70 1.46
CA SER B 22 2.21 -6.63 1.50
C SER B 22 1.68 -5.38 2.21
N GLY B 23 0.55 -5.52 2.89
CA GLY B 23 0.00 -4.45 3.73
C GLY B 23 -1.26 -3.80 3.20
N SER B 24 -1.56 -4.05 1.93
CA SER B 24 -2.74 -3.54 1.27
C SER B 24 -2.90 -4.29 -0.04
N PHE B 25 -4.06 -4.93 -0.24
CA PHE B 25 -4.28 -5.63 -1.51
C PHE B 25 -4.43 -4.68 -2.72
N TRP B 26 -4.65 -3.40 -2.46
CA TRP B 26 -4.66 -2.40 -3.53
C TRP B 26 -3.27 -2.29 -4.11
N GLY B 27 -2.27 -2.28 -3.23
CA GLY B 27 -0.88 -2.26 -3.63
C GLY B 27 -0.42 -3.58 -4.23
N THR B 28 -0.82 -4.69 -3.61
CA THR B 28 -0.38 -6.00 -4.07
C THR B 28 -0.91 -6.29 -5.48
N GLU B 29 -2.19 -5.99 -5.71
CA GLU B 29 -2.79 -6.17 -7.01
C GLU B 29 -2.22 -5.20 -8.04
N HIS B 30 -2.06 -3.94 -7.64
CA HIS B 30 -1.54 -2.92 -8.54
C HIS B 30 -0.19 -3.35 -9.10
N MET B 31 0.66 -3.89 -8.23
CA MET B 31 2.04 -4.19 -8.59
C MET B 31 2.20 -5.42 -9.50
N TYR B 32 1.53 -6.52 -9.16
CA TYR B 32 1.61 -7.73 -9.97
C TYR B 32 0.92 -7.59 -11.33
N ARG B 33 -0.17 -6.83 -11.37
CA ARG B 33 -0.93 -6.61 -12.61
C ARG B 33 -0.25 -5.61 -13.55
N LYS B 34 0.68 -4.83 -13.02
CA LYS B 34 1.37 -3.81 -13.81
C LYS B 34 2.68 -4.34 -14.38
N TYR B 35 3.24 -5.36 -13.74
CA TYR B 35 4.56 -5.88 -14.11
C TYR B 35 4.57 -7.33 -14.58
N LEU B 36 3.66 -8.14 -14.03
CA LEU B 36 3.70 -9.58 -14.27
C LEU B 36 2.39 -10.15 -14.80
N ASN B 37 1.52 -9.27 -15.31
CA ASN B 37 0.20 -9.70 -15.77
C ASN B 37 0.25 -10.66 -16.94
N ASP B 38 1.29 -10.51 -17.77
CA ASP B 38 1.51 -11.38 -18.91
C ASP B 38 1.99 -12.77 -18.50
N ARG B 39 2.46 -12.90 -17.26
CA ARG B 39 3.13 -14.11 -16.81
C ARG B 39 2.41 -14.87 -15.70
N ILE B 40 1.26 -14.37 -15.26
CA ILE B 40 0.45 -15.09 -14.29
C ILE B 40 -0.85 -15.56 -14.94
N VAL B 41 -1.43 -16.64 -14.39
CA VAL B 41 -2.69 -17.18 -14.91
C VAL B 41 -3.85 -16.28 -14.48
N ASP B 42 -4.05 -16.14 -13.17
CA ASP B 42 -5.09 -15.29 -12.64
C ASP B 42 -4.67 -14.69 -11.30
N SER B 43 -5.47 -13.74 -10.83
CA SER B 43 -5.14 -12.95 -9.66
C SER B 43 -6.44 -12.51 -9.00
N LYS B 44 -6.60 -12.80 -7.70
CA LYS B 44 -7.79 -12.37 -6.95
C LYS B 44 -7.46 -11.76 -5.58
N VAL B 45 -8.03 -10.60 -5.29
CA VAL B 45 -7.87 -9.97 -3.96
C VAL B 45 -8.81 -10.64 -2.95
N GLY B 46 -8.35 -10.71 -1.70
CA GLY B 46 -9.14 -11.28 -0.63
C GLY B 46 -8.49 -11.18 0.73
N TYR B 47 -8.88 -12.07 1.64
CA TYR B 47 -8.36 -12.10 3.00
C TYR B 47 -7.82 -13.49 3.33
N ALA B 48 -6.56 -13.54 3.74
CA ALA B 48 -5.92 -14.83 4.03
C ALA B 48 -5.69 -14.95 5.52
N ASN B 49 -5.76 -16.20 5.98
CA ASN B 49 -5.49 -16.52 7.37
C ASN B 49 -4.25 -17.40 7.42
N GLY B 50 -3.39 -17.12 8.39
CA GLY B 50 -2.19 -17.91 8.57
C GLY B 50 -2.38 -19.01 9.61
N GLU B 51 -1.86 -20.20 9.27
CA GLU B 51 -1.94 -21.35 10.16
C GLU B 51 -0.83 -21.31 11.26
N ASP B 72 -8.09 -12.55 12.97
CA ASP B 72 -7.09 -11.69 12.35
C ASP B 72 -6.79 -12.12 10.90
N PHE B 73 -7.34 -11.38 9.94
CA PHE B 73 -7.16 -11.67 8.53
C PHE B 73 -6.33 -10.59 7.85
N ALA B 74 -5.40 -11.00 6.99
CA ALA B 74 -4.58 -10.05 6.23
C ALA B 74 -5.16 -9.80 4.83
N GLU B 75 -5.12 -8.54 4.40
CA GLU B 75 -5.47 -8.17 3.03
C GLU B 75 -4.42 -8.75 2.10
N VAL B 76 -4.85 -9.58 1.16
CA VAL B 76 -3.94 -10.35 0.32
C VAL B 76 -4.33 -10.38 -1.16
N LEU B 77 -3.36 -10.76 -1.99
CA LEU B 77 -3.62 -11.14 -3.36
C LEU B 77 -3.25 -12.60 -3.54
N GLN B 78 -4.15 -13.37 -4.14
CA GLN B 78 -3.84 -14.76 -4.45
C GLN B 78 -3.52 -14.91 -5.93
N VAL B 79 -2.34 -15.47 -6.18
CA VAL B 79 -1.79 -15.58 -7.52
C VAL B 79 -1.78 -17.02 -8.00
N SER B 80 -2.48 -17.26 -9.10
CA SER B 80 -2.47 -18.54 -9.79
C SER B 80 -1.49 -18.44 -10.94
N TYR B 81 -0.55 -19.38 -11.01
CA TYR B 81 0.51 -19.30 -12.02
C TYR B 81 1.00 -20.66 -12.55
N ASN B 82 1.53 -20.65 -13.77
CA ASN B 82 2.12 -21.83 -14.40
C ASN B 82 3.62 -21.83 -14.16
N PRO B 83 4.14 -22.87 -13.46
CA PRO B 83 5.56 -22.98 -13.11
C PRO B 83 6.50 -22.95 -14.32
N LYS B 84 5.99 -23.38 -15.47
CA LYS B 84 6.77 -23.39 -16.70
C LYS B 84 6.77 -22.03 -17.38
N VAL B 85 5.97 -21.11 -16.86
CA VAL B 85 5.95 -19.71 -17.30
C VAL B 85 6.69 -18.83 -16.29
N ILE B 86 6.39 -19.01 -15.01
CA ILE B 86 7.05 -18.28 -13.91
C ILE B 86 7.24 -19.16 -12.66
N THR B 87 8.35 -18.97 -11.97
CA THR B 87 8.62 -19.73 -10.74
C THR B 87 8.23 -18.93 -9.52
N LEU B 88 8.09 -19.62 -8.40
CA LEU B 88 7.84 -18.97 -7.10
C LEU B 88 8.98 -18.02 -6.72
N ARG B 89 10.22 -18.41 -7.01
CA ARG B 89 11.39 -17.57 -6.74
C ARG B 89 11.27 -16.19 -7.38
N GLU B 90 10.84 -16.15 -8.65
CA GLU B 90 10.64 -14.89 -9.35
C GLU B 90 9.51 -14.07 -8.74
N LEU B 91 8.43 -14.76 -8.34
CA LEU B 91 7.28 -14.10 -7.71
C LEU B 91 7.62 -13.53 -6.34
N THR B 92 8.51 -14.20 -5.63
CA THR B 92 8.92 -13.77 -4.28
C THR B 92 10.00 -12.69 -4.34
N ASP B 93 10.92 -12.79 -5.31
CA ASP B 93 11.91 -11.74 -5.55
C ASP B 93 11.22 -10.41 -5.84
N PHE B 94 10.13 -10.48 -6.60
CA PHE B 94 9.29 -9.34 -6.91
C PHE B 94 8.64 -8.79 -5.64
N PHE B 95 8.11 -9.69 -4.81
CA PHE B 95 7.43 -9.32 -3.57
C PHE B 95 8.31 -8.52 -2.62
N PHE B 96 9.58 -8.90 -2.54
CA PHE B 96 10.52 -8.19 -1.66
C PHE B 96 11.05 -6.89 -2.29
N ARG B 97 10.64 -6.61 -3.52
CA ARG B 97 11.02 -5.37 -4.19
C ARG B 97 9.91 -4.31 -4.16
N ILE B 98 8.66 -4.75 -4.00
CA ILE B 98 7.49 -3.87 -4.17
C ILE B 98 7.04 -3.10 -2.93
N HIS B 99 7.46 -3.55 -1.75
CA HIS B 99 7.03 -2.94 -0.49
C HIS B 99 8.14 -3.03 0.56
N ASP B 100 7.97 -2.30 1.67
CA ASP B 100 8.92 -2.40 2.76
C ASP B 100 8.47 -3.43 3.78
N PRO B 101 9.18 -4.57 3.86
CA PRO B 101 8.82 -5.68 4.73
C PRO B 101 9.39 -5.58 6.15
N THR B 102 10.16 -4.54 6.42
CA THR B 102 10.62 -4.22 7.79
C THR B 102 9.71 -3.12 8.26
N THR B 103 8.93 -3.37 9.31
CA THR B 103 7.94 -2.36 9.77
C THR B 103 7.06 -2.87 10.95
N ARG B 116 0.81 -7.59 8.24
CA ARG B 116 1.33 -6.41 7.53
C ARG B 116 2.26 -6.81 6.39
N SER B 117 3.04 -7.87 6.59
CA SER B 117 3.85 -8.45 5.53
C SER B 117 3.87 -9.97 5.69
N GLY B 118 3.33 -10.68 4.71
CA GLY B 118 3.18 -12.12 4.81
C GLY B 118 3.24 -12.89 3.51
N LEU B 119 3.67 -14.13 3.61
CA LEU B 119 3.67 -15.09 2.51
C LEU B 119 2.96 -16.35 2.99
N PHE B 120 1.91 -16.73 2.28
CA PHE B 120 1.14 -17.92 2.66
C PHE B 120 1.30 -19.05 1.66
N ALA B 121 2.02 -20.08 2.10
CA ALA B 121 2.35 -21.23 1.26
C ALA B 121 1.18 -22.22 1.14
N HIS B 122 1.10 -22.87 -0.02
CA HIS B 122 0.05 -23.86 -0.28
C HIS B 122 0.59 -25.28 -0.25
N SER B 123 1.91 -25.43 -0.14
CA SER B 123 2.55 -26.73 0.08
C SER B 123 3.72 -26.58 1.05
N ASP B 124 4.17 -27.72 1.60
CA ASP B 124 5.32 -27.73 2.51
C ASP B 124 6.65 -27.49 1.79
N ALA B 125 6.71 -27.87 0.51
CA ALA B 125 7.88 -27.60 -0.32
C ALA B 125 8.04 -26.10 -0.55
N ASP B 126 6.93 -25.41 -0.82
CA ASP B 126 6.94 -23.96 -1.06
C ASP B 126 7.25 -23.16 0.20
N LEU B 127 6.78 -23.65 1.34
CA LEU B 127 7.05 -23.04 2.64
C LEU B 127 8.54 -22.89 2.92
N LYS B 128 9.30 -23.97 2.68
CA LYS B 128 10.74 -23.98 2.91
C LYS B 128 11.52 -23.18 1.87
N GLU B 129 10.94 -23.04 0.68
CA GLU B 129 11.56 -22.24 -0.37
C GLU B 129 11.37 -20.74 -0.11
N LEU B 130 10.18 -20.37 0.36
CA LEU B 130 9.89 -18.99 0.75
C LEU B 130 10.77 -18.51 1.90
N ALA B 131 11.03 -19.42 2.85
CA ALA B 131 11.91 -19.13 3.97
C ALA B 131 13.34 -18.93 3.49
N LYS B 132 13.77 -19.78 2.55
CA LYS B 132 15.09 -19.66 1.93
C LYS B 132 15.26 -18.31 1.24
N ILE B 133 14.25 -17.90 0.49
CA ILE B 133 14.27 -16.63 -0.24
C ILE B 133 14.34 -15.43 0.71
N LYS B 134 13.53 -15.46 1.78
CA LYS B 134 13.54 -14.42 2.80
C LYS B 134 14.95 -14.27 3.40
N GLU B 135 15.58 -15.39 3.73
CA GLU B 135 16.94 -15.40 4.26
C GLU B 135 17.90 -14.68 3.30
N GLU B 136 17.78 -15.00 2.02
CA GLU B 136 18.64 -14.39 0.98
C GLU B 136 18.42 -12.88 0.86
N TRP B 137 17.19 -12.44 1.12
CA TRP B 137 16.85 -11.03 1.02
C TRP B 137 17.18 -10.21 2.28
N GLN B 138 17.52 -10.90 3.37
CA GLN B 138 17.79 -10.24 4.65
C GLN B 138 18.89 -9.16 4.58
N PRO B 139 20.08 -9.49 4.02
CA PRO B 139 21.13 -8.45 3.97
C PRO B 139 20.74 -7.19 3.20
N LYS B 140 19.98 -7.34 2.11
CA LYS B 140 19.56 -6.20 1.30
C LYS B 140 18.60 -5.26 2.04
N TRP B 141 17.86 -5.80 3.00
CA TRP B 141 16.96 -4.99 3.84
C TRP B 141 17.54 -4.70 5.23
N GLY B 142 18.86 -4.85 5.38
CA GLY B 142 19.55 -4.61 6.66
C GLY B 142 19.16 -5.59 7.75
N ASN B 143 18.81 -6.82 7.34
CA ASN B 143 18.39 -7.91 8.22
C ASN B 143 17.22 -7.58 9.14
N LYS B 144 16.28 -6.78 8.63
CA LYS B 144 15.13 -6.34 9.42
C LYS B 144 13.78 -6.83 8.88
N ILE B 145 13.82 -7.74 7.91
CA ILE B 145 12.59 -8.30 7.33
C ILE B 145 11.71 -8.94 8.40
N ALA B 146 10.50 -8.42 8.53
CA ALA B 146 9.54 -8.92 9.51
C ALA B 146 8.41 -9.71 8.84
N THR B 147 8.60 -10.07 7.57
CA THR B 147 7.62 -10.85 6.82
C THR B 147 7.37 -12.19 7.49
N VAL B 148 6.09 -12.52 7.64
CA VAL B 148 5.68 -13.78 8.23
C VAL B 148 5.50 -14.82 7.13
N ILE B 149 6.03 -16.02 7.36
CA ILE B 149 5.86 -17.12 6.42
C ILE B 149 5.12 -18.27 7.11
N GLU B 150 3.94 -18.58 6.59
CA GLU B 150 3.02 -19.53 7.21
C GLU B 150 2.30 -20.37 6.17
N PRO B 151 1.86 -21.58 6.56
CA PRO B 151 0.93 -22.28 5.66
C PRO B 151 -0.40 -21.53 5.60
N ILE B 152 -1.09 -21.62 4.47
CA ILE B 152 -2.39 -20.97 4.31
C ILE B 152 -3.48 -21.71 5.10
N LYS B 153 -4.20 -20.96 5.91
CA LYS B 153 -5.23 -21.51 6.80
C LYS B 153 -6.63 -21.31 6.21
N ASN B 154 -6.87 -20.12 5.65
CA ASN B 154 -8.16 -19.76 5.06
C ASN B 154 -8.01 -18.70 4.00
N PHE B 155 -8.96 -18.67 3.06
CA PHE B 155 -9.04 -17.61 2.07
C PHE B 155 -10.48 -17.26 1.69
N TYR B 156 -10.79 -15.96 1.70
CA TYR B 156 -12.10 -15.43 1.34
C TYR B 156 -11.97 -14.28 0.34
N ASP B 157 -13.10 -13.85 -0.22
CA ASP B 157 -13.16 -12.72 -1.16
C ASP B 157 -14.10 -11.60 -0.66
N ALA B 158 -15.36 -11.95 -0.43
CA ALA B 158 -16.31 -11.05 0.20
C ALA B 158 -16.55 -11.56 1.61
N GLU B 159 -15.53 -11.37 2.46
CA GLU B 159 -15.62 -11.73 3.88
C GLU B 159 -16.48 -10.72 4.63
N GLU B 160 -17.12 -9.84 3.87
CA GLU B 160 -18.10 -8.87 4.35
C GLU B 160 -19.21 -9.51 5.19
N GLN B 171 -4.09 -0.73 7.89
CA GLN B 171 -5.12 -1.76 8.07
C GLN B 171 -5.95 -1.83 6.78
N GLY B 172 -7.19 -1.34 6.84
CA GLY B 172 -7.97 -1.02 5.66
C GLY B 172 -8.17 0.49 5.64
N TYR B 173 -7.33 1.17 6.41
CA TYR B 173 -7.34 2.62 6.52
C TYR B 173 -6.32 3.25 5.58
N ALA B 174 -5.25 2.51 5.30
CA ALA B 174 -4.14 3.04 4.50
C ALA B 174 -3.43 1.95 3.71
N CYS B 175 -2.86 2.34 2.57
CA CYS B 175 -1.96 1.47 1.81
C CYS B 175 -0.53 1.91 2.07
N PRO B 176 0.36 0.97 2.45
CA PRO B 176 1.79 1.30 2.48
C PRO B 176 2.30 1.60 1.07
N THR B 177 3.41 2.32 0.98
CA THR B 177 3.97 2.67 -0.33
C THR B 177 4.36 1.44 -1.12
N HIS B 178 3.77 1.31 -2.31
CA HIS B 178 4.08 0.24 -3.24
C HIS B 178 4.72 0.80 -4.51
N TYR B 179 5.95 0.36 -4.77
CA TYR B 179 6.69 0.69 -5.99
C TYR B 179 7.92 -0.22 -6.09
N LEU B 180 8.45 -0.37 -7.29
CA LEU B 180 9.58 -1.27 -7.53
C LEU B 180 10.89 -0.63 -7.09
N ARG B 181 11.48 -1.16 -6.02
CA ARG B 181 12.77 -0.68 -5.51
C ARG B 181 13.91 -1.13 -6.41
N GLU B 182 15.01 -0.36 -6.38
CA GLU B 182 16.19 -0.67 -7.17
C GLU B 182 17.45 -0.61 -6.30
#